data_6E8H
#
_entry.id   6E8H
#
_cell.length_a   42.260
_cell.length_b   66.510
_cell.length_c   68.210
_cell.angle_alpha   90.000
_cell.angle_beta   90.000
_cell.angle_gamma   90.000
#
_symmetry.space_group_name_H-M   'P 21 21 21'
#
loop_
_entity.id
_entity.type
_entity.pdbx_description
1 polymer 'LeSH (Llo2327)'
2 non-polymer 'CHLORIDE ION'
3 water water
#
_entity_poly.entity_id   1
_entity_poly.type   'polypeptide(L)'
_entity_poly.pdbx_seq_one_letter_code
;GAMEAMQKNELNSKIPIIFGLINSYQIHNLLEQHNAKTKESKAVFLIRDSSTYPGLLTISYYCQEQDIVKHIRFGLTDKG
WKTAPKPPHEPLKSDSPEIKEKYTLDKIKFERKMKQFINTAKKLFEQHIRAESFKTLIMELKIHEFNLEGLIKPTRSQAS
QEKHFTDYV
;
_entity_poly.pdbx_strand_id   A
#
# COMPACT_ATOMS: atom_id res chain seq x y z
N ASN A 12 -11.28 -22.47 7.55
CA ASN A 12 -10.83 -21.72 8.71
C ASN A 12 -9.30 -21.66 8.76
N SER A 13 -8.63 -22.62 8.12
CA SER A 13 -7.17 -22.61 8.16
C SER A 13 -6.53 -21.71 7.11
N LYS A 14 -7.32 -21.04 6.26
CA LYS A 14 -6.75 -20.26 5.16
C LYS A 14 -6.00 -19.02 5.65
N ILE A 15 -4.96 -18.67 4.93
CA ILE A 15 -4.05 -17.58 5.30
C ILE A 15 -4.43 -16.34 4.50
N PRO A 16 -4.61 -15.18 5.12
CA PRO A 16 -4.88 -13.96 4.36
C PRO A 16 -3.73 -13.66 3.39
N ILE A 17 -4.07 -12.94 2.30
CA ILE A 17 -3.06 -12.51 1.33
C ILE A 17 -2.37 -11.21 1.71
N ILE A 18 -2.67 -10.66 2.89
CA ILE A 18 -2.14 -9.38 3.36
C ILE A 18 -1.03 -9.65 4.36
N PHE A 19 0.15 -9.07 4.12
CA PHE A 19 1.24 -9.14 5.08
C PHE A 19 0.92 -8.32 6.33
N GLY A 20 1.46 -8.75 7.47
CA GLY A 20 1.51 -7.92 8.64
C GLY A 20 2.68 -6.96 8.53
N LEU A 21 3.11 -6.45 9.67
CA LEU A 21 4.24 -5.54 9.66
C LEU A 21 5.47 -6.27 9.16
N ILE A 22 6.15 -5.66 8.20
CA ILE A 22 7.33 -6.23 7.57
C ILE A 22 8.28 -5.06 7.31
N ASN A 23 9.58 -5.31 7.45
CA ASN A 23 10.51 -4.20 7.34
C ASN A 23 11.03 -4.06 5.90
N SER A 24 11.70 -2.94 5.65
CA SER A 24 12.13 -2.64 4.29
C SER A 24 13.11 -3.67 3.76
N TYR A 25 13.91 -4.27 4.65
CA TYR A 25 14.86 -5.29 4.24
C TYR A 25 14.14 -6.53 3.72
N GLN A 26 13.11 -6.99 4.44
CA GLN A 26 12.35 -8.14 3.97
C GLN A 26 11.54 -7.83 2.72
N ILE A 27 11.03 -6.60 2.59
CA ILE A 27 10.32 -6.22 1.37
C ILE A 27 11.24 -6.33 0.16
N HIS A 28 12.47 -5.81 0.30
CA HIS A 28 13.42 -5.90 -0.79
C HIS A 28 13.70 -7.36 -1.12
N ASN A 29 13.96 -8.17 -0.10
CA ASN A 29 14.37 -9.55 -0.32
C ASN A 29 13.23 -10.41 -0.86
N LEU A 30 11.98 -10.14 -0.44
CA LEU A 30 10.86 -10.87 -1.03
C LEU A 30 10.67 -10.50 -2.49
N LEU A 31 10.77 -9.20 -2.83
CA LEU A 31 10.69 -8.83 -4.23
C LEU A 31 11.78 -9.50 -5.05
N GLU A 32 13.01 -9.55 -4.50
CA GLU A 32 14.11 -10.20 -5.21
C GLU A 32 13.86 -11.70 -5.37
N GLN A 33 13.36 -12.36 -4.33
CA GLN A 33 13.04 -13.78 -4.42
C GLN A 33 12.10 -14.10 -5.58
N HIS A 34 11.20 -13.18 -5.92
CA HIS A 34 10.27 -13.41 -7.01
C HIS A 34 10.69 -12.73 -8.30
N ASN A 35 12.00 -12.44 -8.42
CA ASN A 35 12.64 -11.94 -9.64
C ASN A 35 12.02 -10.62 -10.10
N ALA A 36 11.63 -9.77 -9.15
CA ALA A 36 11.04 -8.48 -9.49
C ALA A 36 11.98 -7.63 -10.35
N LYS A 37 13.30 -7.75 -10.15
CA LYS A 37 14.20 -6.84 -10.84
C LYS A 37 14.46 -7.28 -12.28
N THR A 38 13.96 -8.43 -12.71
CA THR A 38 14.02 -8.82 -14.12
C THR A 38 12.63 -8.96 -14.71
N LYS A 39 11.63 -8.32 -14.09
CA LYS A 39 10.28 -8.28 -14.61
C LYS A 39 9.83 -6.82 -14.70
N GLU A 40 8.77 -6.59 -15.49
CA GLU A 40 8.25 -5.25 -15.60
C GLU A 40 7.81 -4.72 -14.24
N SER A 41 7.90 -3.40 -14.09
CA SER A 41 7.39 -2.76 -12.88
C SER A 41 5.95 -3.19 -12.62
N LYS A 42 5.67 -3.55 -11.38
CA LYS A 42 4.37 -3.96 -10.86
C LYS A 42 4.02 -5.40 -11.24
N ALA A 43 4.88 -6.12 -11.99
CA ALA A 43 4.61 -7.53 -12.32
C ALA A 43 4.66 -8.42 -11.09
N VAL A 44 5.36 -7.95 -10.05
CA VAL A 44 5.51 -8.61 -8.76
C VAL A 44 5.23 -7.55 -7.70
N PHE A 45 4.45 -7.90 -6.69
CA PHE A 45 4.16 -6.91 -5.66
C PHE A 45 3.68 -7.64 -4.40
N LEU A 46 3.62 -6.89 -3.29
CA LEU A 46 3.03 -7.41 -2.08
C LEU A 46 2.16 -6.33 -1.44
N ILE A 47 1.24 -6.77 -0.59
CA ILE A 47 0.27 -5.93 0.10
C ILE A 47 0.49 -6.10 1.59
N ARG A 48 0.70 -5.00 2.30
CA ARG A 48 0.99 -5.07 3.72
C ARG A 48 0.18 -4.05 4.51
N ASP A 49 -0.12 -4.39 5.75
CA ASP A 49 -0.43 -3.36 6.75
C ASP A 49 0.59 -2.24 6.67
N SER A 50 0.11 -1.01 6.55
CA SER A 50 1.00 0.14 6.54
C SER A 50 1.62 0.33 7.93
N SER A 51 2.92 0.59 7.96
CA SER A 51 3.63 0.88 9.20
C SER A 51 3.61 2.36 9.56
N THR A 52 3.19 3.22 8.63
CA THR A 52 3.12 4.66 8.86
C THR A 52 1.72 5.14 9.21
N TYR A 53 0.69 4.51 8.67
CA TYR A 53 -0.70 4.92 8.89
C TYR A 53 -1.53 3.67 9.15
N PRO A 54 -1.81 3.36 10.42
CA PRO A 54 -2.58 2.14 10.72
C PRO A 54 -4.03 2.25 10.26
N GLY A 55 -4.47 1.25 9.50
CA GLY A 55 -5.79 1.24 8.89
C GLY A 55 -5.73 1.36 7.39
N LEU A 56 -4.58 1.68 6.86
CA LEU A 56 -4.31 1.70 5.44
C LEU A 56 -3.57 0.43 5.04
N LEU A 57 -3.49 0.21 3.75
CA LEU A 57 -2.68 -0.84 3.14
C LEU A 57 -1.59 -0.18 2.31
N THR A 58 -0.43 -0.82 2.22
CA THR A 58 0.63 -0.34 1.32
C THR A 58 0.96 -1.43 0.30
N ILE A 59 0.97 -1.05 -0.97
CA ILE A 59 1.36 -1.96 -2.06
C ILE A 59 2.80 -1.63 -2.41
N SER A 60 3.70 -2.61 -2.28
CA SER A 60 5.11 -2.39 -2.57
C SER A 60 5.53 -3.18 -3.80
N TYR A 61 6.34 -2.55 -4.65
CA TYR A 61 6.72 -3.17 -5.91
C TYR A 61 8.07 -2.58 -6.33
N TYR A 62 8.65 -3.13 -7.40
CA TYR A 62 9.94 -2.66 -7.90
C TYR A 62 9.73 -1.76 -9.10
N CYS A 63 10.38 -0.60 -9.09
CA CYS A 63 10.27 0.36 -10.18
C CYS A 63 11.50 0.22 -11.08
N GLN A 64 11.31 -0.36 -12.28
CA GLN A 64 12.41 -0.53 -13.21
C GLN A 64 13.04 0.80 -13.62
N GLU A 65 12.22 1.83 -13.81
CA GLU A 65 12.76 3.04 -14.40
C GLU A 65 13.75 3.74 -13.48
N GLN A 66 13.55 3.65 -12.17
CA GLN A 66 14.43 4.34 -11.24
C GLN A 66 15.24 3.39 -10.37
N ASP A 67 15.09 2.09 -10.56
CA ASP A 67 15.83 1.09 -9.79
C ASP A 67 15.64 1.27 -8.27
N ILE A 68 14.37 1.30 -7.85
CA ILE A 68 14.05 1.52 -6.44
C ILE A 68 12.76 0.77 -6.15
N VAL A 69 12.58 0.41 -4.88
CA VAL A 69 11.29 -0.11 -4.42
C VAL A 69 10.36 1.08 -4.19
N LYS A 70 9.12 0.95 -4.68
CA LYS A 70 8.13 2.01 -4.58
C LYS A 70 6.91 1.49 -3.82
N HIS A 71 6.16 2.42 -3.27
CA HIS A 71 5.03 2.11 -2.40
C HIS A 71 3.86 2.98 -2.80
N ILE A 72 2.66 2.40 -2.76
CA ILE A 72 1.42 3.16 -2.95
C ILE A 72 0.44 2.74 -1.86
N ARG A 73 -0.19 3.71 -1.20
CA ARG A 73 -1.09 3.44 -0.08
C ARG A 73 -2.54 3.46 -0.53
N PHE A 74 -3.33 2.51 -0.01
CA PHE A 74 -4.77 2.45 -0.18
C PHE A 74 -5.43 2.58 1.19
N GLY A 75 -6.67 3.06 1.21
CA GLY A 75 -7.42 3.10 2.44
C GLY A 75 -8.89 2.87 2.18
N LEU A 76 -9.59 2.44 3.24
CA LEU A 76 -11.03 2.24 3.12
C LEU A 76 -11.72 3.59 3.03
N THR A 77 -12.59 3.74 2.03
CA THR A 77 -13.48 4.88 1.85
C THR A 77 -14.91 4.35 1.85
N ASP A 78 -15.88 5.26 1.67
CA ASP A 78 -17.26 4.81 1.71
C ASP A 78 -17.58 3.78 0.63
N LYS A 79 -16.81 3.73 -0.47
CA LYS A 79 -17.05 2.74 -1.52
C LYS A 79 -16.00 1.64 -1.54
N GLY A 80 -15.21 1.52 -0.50
CA GLY A 80 -14.19 0.48 -0.41
C GLY A 80 -12.79 1.03 -0.53
N TRP A 81 -11.87 0.14 -0.87
CA TRP A 81 -10.45 0.50 -0.92
C TRP A 81 -10.16 1.46 -2.07
N LYS A 82 -9.54 2.59 -1.76
CA LYS A 82 -9.15 3.53 -2.80
C LYS A 82 -7.76 4.05 -2.49
N THR A 83 -7.09 4.48 -3.55
CA THR A 83 -5.77 5.07 -3.43
C THR A 83 -5.81 6.29 -2.51
N ALA A 84 -4.80 6.39 -1.64
CA ALA A 84 -4.70 7.46 -0.65
C ALA A 84 -4.17 8.73 -1.31
N PRO A 85 -4.30 9.88 -0.64
CA PRO A 85 -3.68 11.10 -1.16
C PRO A 85 -2.18 10.92 -1.37
N LYS A 86 -1.69 11.50 -2.44
CA LYS A 86 -0.31 11.30 -2.84
C LYS A 86 0.61 12.18 -2.02
N PRO A 87 1.60 11.63 -1.32
CA PRO A 87 2.52 12.48 -0.57
C PRO A 87 3.38 13.29 -1.52
N PRO A 88 3.86 14.46 -1.09
CA PRO A 88 4.76 15.24 -1.94
C PRO A 88 6.09 14.52 -2.11
N HIS A 89 6.85 14.95 -3.11
CA HIS A 89 8.16 14.35 -3.36
C HIS A 89 9.06 14.58 -2.16
N GLU A 90 9.70 13.51 -1.70
CA GLU A 90 10.52 13.60 -0.49
C GLU A 90 11.70 14.54 -0.74
N PRO A 91 12.00 15.44 0.20
CA PRO A 91 13.06 16.43 -0.02
C PRO A 91 14.40 15.77 -0.32
N LEU A 92 15.25 16.52 -1.01
CA LEU A 92 16.58 16.06 -1.38
C LEU A 92 17.57 17.19 -1.13
N LYS A 93 18.84 16.81 -0.89
CA LYS A 93 19.87 17.81 -0.64
C LYS A 93 20.01 18.78 -1.81
N SER A 94 19.77 18.31 -3.03
CA SER A 94 19.94 19.08 -4.27
C SER A 94 18.73 19.96 -4.60
N ASP A 95 17.71 20.00 -3.74
CA ASP A 95 16.47 20.68 -4.09
C ASP A 95 16.67 22.19 -4.24
N SER A 96 16.18 22.73 -5.36
CA SER A 96 16.19 24.15 -5.63
C SER A 96 15.20 24.87 -4.74
N PRO A 97 15.27 26.20 -4.65
CA PRO A 97 14.20 26.93 -3.95
C PRO A 97 12.82 26.66 -4.50
N GLU A 98 12.71 26.52 -5.83
CA GLU A 98 11.42 26.25 -6.45
C GLU A 98 10.85 24.92 -5.99
N ILE A 99 11.70 23.89 -5.89
CA ILE A 99 11.24 22.59 -5.42
C ILE A 99 10.83 22.66 -3.95
N LYS A 100 11.61 23.38 -3.14
CA LYS A 100 11.27 23.49 -1.72
C LYS A 100 9.93 24.18 -1.52
N GLU A 101 9.69 25.25 -2.28
CA GLU A 101 8.43 25.98 -2.16
C GLU A 101 7.25 25.11 -2.54
N LYS A 102 7.38 24.33 -3.62
CA LYS A 102 6.29 23.43 -3.99
C LYS A 102 6.09 22.36 -2.93
N TYR A 103 7.17 21.91 -2.30
CA TYR A 103 7.05 20.93 -1.23
C TYR A 103 6.22 21.48 -0.08
N THR A 104 6.47 22.73 0.32
CA THR A 104 5.71 23.32 1.41
C THR A 104 4.22 23.33 1.09
N LEU A 105 3.86 23.69 -0.14
CA LEU A 105 2.46 23.73 -0.54
C LEU A 105 1.87 22.33 -0.62
N ASP A 106 2.55 21.43 -1.35
CA ASP A 106 2.05 20.06 -1.49
C ASP A 106 1.91 19.38 -0.15
N LYS A 107 2.85 19.64 0.77
CA LYS A 107 2.80 19.00 2.07
C LYS A 107 1.60 19.48 2.88
N ILE A 108 1.33 20.80 2.86
CA ILE A 108 0.14 21.31 3.53
C ILE A 108 -1.11 20.64 2.97
N LYS A 109 -1.22 20.60 1.65
CA LYS A 109 -2.40 19.98 1.03
C LYS A 109 -2.48 18.51 1.36
N PHE A 110 -1.34 17.80 1.30
CA PHE A 110 -1.33 16.37 1.61
C PHE A 110 -1.77 16.14 3.05
N GLU A 111 -1.21 16.90 4.00
CA GLU A 111 -1.53 16.66 5.40
C GLU A 111 -3.01 16.90 5.67
N ARG A 112 -3.59 17.92 5.05
CA ARG A 112 -5.03 18.15 5.19
C ARG A 112 -5.83 16.99 4.62
N LYS A 113 -5.53 16.61 3.39
CA LYS A 113 -6.29 15.54 2.74
C LYS A 113 -6.07 14.20 3.44
N MET A 114 -4.83 13.93 3.85
CA MET A 114 -4.52 12.66 4.47
C MET A 114 -5.18 12.53 5.83
N LYS A 115 -5.22 13.61 6.61
CA LYS A 115 -5.89 13.57 7.91
C LYS A 115 -7.35 13.18 7.76
N GLN A 116 -8.06 13.76 6.79
CA GLN A 116 -9.46 13.39 6.59
C GLN A 116 -9.57 11.96 6.10
N PHE A 117 -8.69 11.57 5.17
CA PHE A 117 -8.70 10.23 4.60
C PHE A 117 -8.44 9.17 5.67
N ILE A 118 -7.44 9.40 6.53
CA ILE A 118 -7.10 8.46 7.61
C ILE A 118 -8.25 8.34 8.59
N ASN A 119 -8.83 9.48 9.00
CA ASN A 119 -9.91 9.47 9.96
C ASN A 119 -11.10 8.67 9.45
N THR A 120 -11.42 8.81 8.17
CA THR A 120 -12.51 8.03 7.58
C THR A 120 -12.14 6.56 7.51
N ALA A 121 -10.91 6.26 7.04
CA ALA A 121 -10.49 4.88 6.91
C ALA A 121 -10.51 4.15 8.25
N LYS A 122 -10.06 4.82 9.31
CA LYS A 122 -10.01 4.18 10.62
C LYS A 122 -11.40 3.78 11.08
N LYS A 123 -12.38 4.68 10.90
CA LYS A 123 -13.72 4.39 11.38
C LYS A 123 -14.33 3.20 10.64
N LEU A 124 -14.15 3.14 9.31
CA LEU A 124 -14.63 1.99 8.55
C LEU A 124 -13.86 0.72 8.93
N PHE A 125 -12.55 0.85 9.16
CA PHE A 125 -11.73 -0.31 9.45
C PHE A 125 -12.11 -0.95 10.78
N GLU A 126 -12.59 -0.15 11.72
CA GLU A 126 -12.92 -0.66 13.05
C GLU A 126 -14.22 -1.47 13.07
N GLN A 127 -15.06 -1.33 12.06
CA GLN A 127 -16.35 -2.01 12.04
C GLN A 127 -16.30 -3.23 11.14
N HIS A 128 -16.95 -4.30 11.59
CA HIS A 128 -17.25 -5.43 10.72
C HIS A 128 -18.50 -5.09 9.93
N ILE A 129 -18.36 -4.81 8.64
CA ILE A 129 -19.49 -4.45 7.81
C ILE A 129 -19.86 -5.66 6.96
N ARG A 130 -21.14 -6.04 7.00
CA ARG A 130 -21.62 -7.19 6.25
C ARG A 130 -21.87 -6.80 4.80
N ALA A 131 -20.85 -6.22 4.18
CA ALA A 131 -20.83 -5.89 2.77
C ALA A 131 -19.43 -6.16 2.27
N GLU A 132 -19.34 -6.67 1.05
CA GLU A 132 -18.04 -7.05 0.50
C GLU A 132 -17.09 -5.87 0.39
N SER A 133 -15.87 -6.07 0.85
CA SER A 133 -14.83 -5.07 0.61
C SER A 133 -13.60 -5.64 -0.07
N PHE A 134 -13.32 -6.94 0.10
CA PHE A 134 -12.16 -7.55 -0.54
C PHE A 134 -12.17 -7.31 -2.05
N LYS A 135 -13.35 -7.47 -2.68
CA LYS A 135 -13.39 -7.26 -4.13
C LYS A 135 -12.98 -5.84 -4.49
N THR A 136 -13.27 -4.86 -3.64
CA THR A 136 -12.90 -3.49 -3.97
C THR A 136 -11.38 -3.28 -3.90
N LEU A 137 -10.68 -4.04 -3.05
CA LEU A 137 -9.22 -3.99 -3.07
C LEU A 137 -8.69 -4.54 -4.39
N ILE A 138 -9.23 -5.68 -4.82
CA ILE A 138 -8.82 -6.27 -6.09
C ILE A 138 -9.05 -5.29 -7.24
N MET A 139 -10.19 -4.59 -7.23
CA MET A 139 -10.51 -3.65 -8.31
C MET A 139 -9.57 -2.47 -8.32
N GLU A 140 -9.20 -1.95 -7.15
CA GLU A 140 -8.28 -0.82 -7.12
C GLU A 140 -6.89 -1.25 -7.58
N LEU A 141 -6.50 -2.49 -7.27
CA LEU A 141 -5.23 -3.01 -7.78
C LEU A 141 -5.24 -3.06 -9.30
N LYS A 142 -6.37 -3.46 -9.90
CA LYS A 142 -6.46 -3.49 -11.36
C LYS A 142 -6.36 -2.08 -11.94
N ILE A 143 -6.97 -1.11 -11.25
CA ILE A 143 -6.95 0.26 -11.76
C ILE A 143 -5.52 0.79 -11.78
N HIS A 144 -4.67 0.27 -10.91
CA HIS A 144 -3.26 0.65 -10.91
C HIS A 144 -2.37 -0.37 -11.62
N GLU A 145 -2.97 -1.31 -12.35
CA GLU A 145 -2.27 -2.17 -13.32
C GLU A 145 -1.25 -3.09 -12.63
N PHE A 146 -1.65 -3.63 -11.50
CA PHE A 146 -0.85 -4.62 -10.79
C PHE A 146 -1.13 -6.02 -11.33
N ASN A 147 -0.07 -6.74 -11.72
CA ASN A 147 -0.23 -8.10 -12.24
C ASN A 147 -0.61 -9.03 -11.10
N LEU A 148 -1.91 -9.36 -10.99
CA LEU A 148 -2.42 -10.10 -9.83
C LEU A 148 -1.87 -11.53 -9.75
N GLU A 149 -1.52 -12.11 -10.89
CA GLU A 149 -0.76 -13.36 -10.86
C GLU A 149 0.59 -13.19 -10.18
N GLY A 150 1.10 -11.96 -10.11
CA GLY A 150 2.36 -11.67 -9.45
C GLY A 150 2.26 -11.28 -8.00
N LEU A 151 1.10 -11.47 -7.37
CA LEU A 151 0.98 -11.19 -5.94
C LEU A 151 1.84 -12.16 -5.13
N ILE A 152 2.73 -11.62 -4.29
CA ILE A 152 3.49 -12.41 -3.33
C ILE A 152 2.62 -12.65 -2.10
N LYS A 153 2.42 -13.93 -1.77
CA LYS A 153 1.54 -14.28 -0.65
C LYS A 153 2.35 -14.53 0.60
N PRO A 154 1.94 -13.99 1.75
CA PRO A 154 2.66 -14.26 3.00
C PRO A 154 2.45 -15.68 3.48
N THR A 155 3.43 -16.17 4.22
CA THR A 155 3.24 -17.36 5.03
C THR A 155 2.35 -17.01 6.23
N ARG A 156 1.92 -18.05 6.95
CA ARG A 156 1.02 -17.82 8.08
C ARG A 156 1.63 -16.86 9.10
N SER A 157 2.94 -17.01 9.40
CA SER A 157 3.57 -16.14 10.40
C SER A 157 3.80 -14.74 9.87
N GLN A 158 3.86 -14.57 8.56
CA GLN A 158 4.03 -13.26 7.96
C GLN A 158 2.73 -12.50 7.77
N ALA A 159 1.58 -13.17 7.84
CA ALA A 159 0.33 -12.55 7.40
C ALA A 159 -0.25 -11.64 8.48
N SER A 160 -1.09 -10.71 8.02
CA SER A 160 -1.70 -9.76 8.95
C SER A 160 -2.58 -10.47 9.95
N GLN A 161 -2.49 -10.04 11.20
CA GLN A 161 -3.36 -10.54 12.25
C GLN A 161 -4.62 -9.70 12.41
N GLU A 162 -4.80 -8.68 11.58
CA GLU A 162 -5.97 -7.80 11.71
C GLU A 162 -7.24 -8.57 11.38
N LYS A 163 -8.24 -8.45 12.27
CA LYS A 163 -9.50 -9.14 12.09
C LYS A 163 -10.16 -8.76 10.77
N HIS A 164 -9.95 -7.53 10.30
CA HIS A 164 -10.59 -7.11 9.06
C HIS A 164 -10.19 -8.02 7.90
N PHE A 165 -8.98 -8.58 7.92
CA PHE A 165 -8.45 -9.31 6.78
C PHE A 165 -8.62 -10.81 6.87
N THR A 166 -9.38 -11.31 7.85
CA THR A 166 -9.50 -12.76 7.99
C THR A 166 -10.01 -13.42 6.71
N ASP A 167 -10.91 -12.76 5.97
CA ASP A 167 -11.49 -13.36 4.77
C ASP A 167 -10.88 -12.80 3.49
N TYR A 168 -9.80 -12.01 3.59
CA TYR A 168 -9.05 -11.55 2.42
C TYR A 168 -8.08 -12.67 2.04
N VAL A 169 -8.64 -13.73 1.46
CA VAL A 169 -7.88 -14.96 1.21
C VAL A 169 -7.97 -15.39 -0.24
#